data_7A63
#
_entry.id   7A63
#
_cell.length_a   105.300
_cell.length_b   105.300
_cell.length_c   98.099
_cell.angle_alpha   90.000
_cell.angle_beta   90.000
_cell.angle_gamma   120.000
#
_symmetry.space_group_name_H-M   'P 64 2 2'
#
loop_
_entity.id
_entity.type
_entity.pdbx_description
1 polymer 'Metallo-beta-lactamase L1'
2 non-polymer 'ZINC ION'
3 non-polymer 'SULFATE ION'
4 non-polymer '(2R,5S)-2-[(1S,2R)-1-carboxy-2-hydroxy-propyl]-5-[(2R)-tetrahydrofuran-2-yl]-2,5-dihydrothiazole-4-carboxylic acid'
5 water water
#
_entity_poly.entity_id   1
_entity_poly.type   'polypeptide(L)'
_entity_poly.pdbx_seq_one_letter_code
;GPAEVPLPQLRAYTVDASWLQPMAPLQIADHTWQIGTEDLTALLVQTPDGAVLLDGGMPQMASHLLDNMKARGVTPRDLR
LILLSHAHADHAGPVAELKRRTGAKVAANAESAVLLARGGSDDLHFGDGITYPPANADRIVMDGEVITVGGIVFTAHFMA
GHTPGSTAWTWTDTRNGKPVRIAYADSLSAPGYQLQGNPRYPHLIEDYRRSFATVRALPCDVLLTPHPGASNWDYAAGAR
AGAKALTCKAYADAAEQKFDGQLAKETAGAR
;
_entity_poly.pdbx_strand_id   A
#
loop_
_chem_comp.id
_chem_comp.type
_chem_comp.name
_chem_comp.formula
R3N non-polymer '(2R,5S)-2-[(1S,2R)-1-carboxy-2-hydroxy-propyl]-5-[(2R)-tetrahydrofuran-2-yl]-2,5-dihydrothiazole-4-carboxylic acid' 'C12 H17 N O6 S'
SO4 non-polymer 'SULFATE ION' 'O4 S -2'
ZN non-polymer 'ZINC ION' 'Zn 2'
#
# COMPACT_ATOMS: atom_id res chain seq x y z
N GLU A 4 21.01 -25.09 -29.72
CA GLU A 4 19.70 -25.66 -29.43
C GLU A 4 18.75 -24.59 -28.89
N VAL A 5 18.60 -24.56 -27.57
CA VAL A 5 17.56 -23.77 -26.92
C VAL A 5 18.19 -22.92 -25.83
N PRO A 6 18.24 -21.61 -25.99
CA PRO A 6 18.81 -20.76 -24.93
C PRO A 6 17.89 -20.70 -23.74
N LEU A 7 18.46 -20.33 -22.60
CA LEU A 7 17.63 -20.00 -21.45
C LEU A 7 16.70 -18.85 -21.80
N PRO A 8 15.56 -18.74 -21.14
CA PRO A 8 14.64 -17.67 -21.48
C PRO A 8 15.18 -16.32 -21.09
N GLN A 9 14.75 -15.31 -21.84
CA GLN A 9 15.05 -13.94 -21.46
C GLN A 9 14.36 -13.63 -20.14
N LEU A 10 14.92 -12.66 -19.42
CA LEU A 10 14.22 -12.11 -18.27
C LEU A 10 12.89 -11.52 -18.72
N ARG A 11 11.86 -11.71 -17.89
CA ARG A 11 10.51 -11.22 -18.17
C ARG A 11 10.23 -10.05 -17.25
N ALA A 12 9.90 -8.91 -17.84
CA ALA A 12 9.59 -7.73 -17.07
C ALA A 12 8.28 -7.91 -16.33
N TYR A 13 8.19 -7.24 -15.20
CA TYR A 13 6.93 -7.19 -14.44
C TYR A 13 6.02 -6.20 -15.16
N THR A 14 5.03 -6.72 -15.90
CA THR A 14 4.10 -5.88 -16.64
C THR A 14 2.73 -5.90 -15.98
N VAL A 15 1.98 -4.80 -16.15
CA VAL A 15 0.72 -4.59 -15.45
C VAL A 15 -0.29 -3.96 -16.41
N ASP A 16 -1.58 -4.06 -16.04
CA ASP A 16 -2.62 -3.41 -16.83
C ASP A 16 -2.29 -1.94 -17.00
N ALA A 17 -2.63 -1.42 -18.18
CA ALA A 17 -2.32 -0.03 -18.51
C ALA A 17 -2.90 0.95 -17.49
N SER A 18 -4.11 0.69 -16.97
CA SER A 18 -4.71 1.65 -16.05
C SER A 18 -3.89 1.82 -14.78
N TRP A 19 -3.09 0.80 -14.42
CA TRP A 19 -2.20 0.89 -13.26
C TRP A 19 -1.09 1.89 -13.50
N LEU A 20 -0.82 2.20 -14.76
CA LEU A 20 0.24 3.10 -15.13
C LEU A 20 -0.28 4.40 -15.72
N GLN A 21 -1.57 4.66 -15.61
CA GLN A 21 -2.18 5.84 -16.23
C GLN A 21 -2.08 7.02 -15.26
N PRO A 22 -1.32 8.05 -15.56
CA PRO A 22 -1.22 9.18 -14.63
C PRO A 22 -2.56 9.88 -14.43
N MET A 23 -2.74 10.42 -13.22
CA MET A 23 -3.90 11.24 -12.90
C MET A 23 -3.41 12.45 -12.12
N ALA A 24 -4.16 13.54 -12.24
CA ALA A 24 -3.94 14.70 -11.41
C ALA A 24 -4.33 14.41 -9.95
N PRO A 25 -3.81 15.20 -9.01
CA PRO A 25 -4.15 14.95 -7.60
C PRO A 25 -5.65 15.00 -7.38
N LEU A 26 -6.14 14.02 -6.63
CA LEU A 26 -7.55 13.89 -6.25
C LEU A 26 -7.66 14.06 -4.75
N GLN A 27 -8.42 15.06 -4.29
CA GLN A 27 -8.49 15.32 -2.87
C GLN A 27 -9.39 14.32 -2.16
N ILE A 28 -8.88 13.72 -1.09
CA ILE A 28 -9.63 12.79 -0.25
C ILE A 28 -10.22 13.50 0.96
N ALA A 29 -9.40 14.31 1.63
CA ALA A 29 -9.85 15.13 2.75
C ALA A 29 -8.99 16.38 2.79
N ASP A 30 -9.11 17.18 3.85
CA ASP A 30 -8.50 18.51 3.84
C ASP A 30 -7.02 18.46 3.46
N HIS A 31 -6.29 17.45 3.95
N HIS A 31 -6.30 17.45 3.94
CA HIS A 31 -4.84 17.38 3.76
CA HIS A 31 -4.85 17.39 3.77
C HIS A 31 -4.38 16.09 3.12
C HIS A 31 -4.38 16.09 3.14
N THR A 32 -5.30 15.27 2.64
CA THR A 32 -4.97 13.97 2.04
C THR A 32 -5.37 13.93 0.58
N TRP A 33 -4.45 13.49 -0.28
CA TRP A 33 -4.66 13.46 -1.72
C TRP A 33 -4.18 12.14 -2.28
N GLN A 34 -4.93 11.62 -3.25
CA GLN A 34 -4.44 10.54 -4.12
C GLN A 34 -3.61 11.18 -5.24
N ILE A 35 -2.34 10.76 -5.38
CA ILE A 35 -1.45 11.39 -6.35
C ILE A 35 -0.78 10.35 -7.25
N GLY A 36 -1.25 9.10 -7.21
CA GLY A 36 -0.68 8.04 -8.01
C GLY A 36 -1.31 7.98 -9.38
N THR A 37 -1.70 6.78 -9.79
CA THR A 37 -2.30 6.56 -11.10
C THR A 37 -3.76 6.19 -10.90
N GLU A 38 -4.44 5.94 -12.01
N GLU A 38 -4.44 5.98 -12.02
CA GLU A 38 -5.87 5.65 -11.95
CA GLU A 38 -5.86 5.64 -11.96
C GLU A 38 -6.15 4.37 -11.17
C GLU A 38 -6.09 4.42 -11.07
N ASP A 39 -5.24 3.39 -11.21
CA ASP A 39 -5.47 2.12 -10.54
C ASP A 39 -4.39 1.72 -9.54
N LEU A 40 -3.52 2.64 -9.13
CA LEU A 40 -2.65 2.40 -8.00
C LEU A 40 -2.64 3.60 -7.07
N THR A 41 -2.85 3.33 -5.78
CA THR A 41 -2.89 4.36 -4.75
C THR A 41 -1.50 4.84 -4.36
N ALA A 42 -1.37 6.16 -4.23
CA ALA A 42 -0.20 6.78 -3.59
C ALA A 42 -0.73 8.02 -2.90
N LEU A 43 -0.72 8.03 -1.57
CA LEU A 43 -1.41 9.04 -0.78
C LEU A 43 -0.41 10.08 -0.28
N LEU A 44 -0.70 11.35 -0.56
CA LEU A 44 0.09 12.47 -0.07
C LEU A 44 -0.70 13.13 1.07
N VAL A 45 -0.08 13.23 2.24
CA VAL A 45 -0.67 13.91 3.38
C VAL A 45 0.19 15.13 3.69
N GLN A 46 -0.41 16.32 3.60
CA GLN A 46 0.30 17.58 3.71
C GLN A 46 0.10 18.17 5.10
N THR A 47 1.20 18.53 5.74
CA THR A 47 1.18 19.13 7.06
C THR A 47 1.94 20.44 7.02
N PRO A 48 1.78 21.29 8.04
CA PRO A 48 2.64 22.47 8.14
C PRO A 48 4.11 22.10 8.22
N ASP A 49 4.42 20.90 8.71
CA ASP A 49 5.78 20.47 9.01
C ASP A 49 6.33 19.49 7.99
N GLY A 50 5.81 19.51 6.77
CA GLY A 50 6.28 18.61 5.74
C GLY A 50 5.22 17.60 5.35
N ALA A 51 5.53 16.86 4.29
CA ALA A 51 4.56 15.96 3.69
C ALA A 51 4.95 14.51 3.95
N VAL A 52 3.92 13.67 3.97
CA VAL A 52 4.04 12.21 4.12
C VAL A 52 3.49 11.57 2.85
N LEU A 53 4.18 10.54 2.38
CA LEU A 53 3.70 9.73 1.26
C LEU A 53 3.46 8.32 1.75
N LEU A 54 2.26 7.78 1.47
CA LEU A 54 1.93 6.40 1.76
C LEU A 54 1.81 5.66 0.44
N ASP A 55 2.79 4.78 0.17
CA ASP A 55 3.02 4.08 -1.09
C ASP A 55 3.39 4.99 -2.26
N GLY A 56 4.07 4.40 -3.26
CA GLY A 56 4.35 5.11 -4.49
C GLY A 56 3.95 4.39 -5.75
N GLY A 57 3.38 3.19 -5.64
CA GLY A 57 3.00 2.45 -6.82
C GLY A 57 4.17 1.74 -7.46
N MET A 58 4.22 1.75 -8.80
CA MET A 58 5.22 1.05 -9.61
C MET A 58 6.55 1.82 -9.68
N PRO A 59 7.65 1.14 -10.04
CA PRO A 59 8.97 1.81 -10.07
C PRO A 59 9.01 3.00 -10.99
N GLN A 60 8.28 2.95 -12.11
CA GLN A 60 8.38 4.02 -13.07
C GLN A 60 7.52 5.24 -12.72
N MET A 61 6.86 5.24 -11.55
CA MET A 61 5.99 6.36 -11.17
C MET A 61 6.71 7.48 -10.43
N ALA A 62 8.03 7.40 -10.19
CA ALA A 62 8.67 8.37 -9.32
C ALA A 62 8.50 9.80 -9.82
N SER A 63 8.79 10.04 -11.10
CA SER A 63 8.74 11.41 -11.61
C SER A 63 7.32 11.96 -11.60
N HIS A 64 6.34 11.14 -11.99
CA HIS A 64 4.95 11.56 -11.90
C HIS A 64 4.57 11.95 -10.47
N LEU A 65 5.00 11.15 -9.47
CA LEU A 65 4.71 11.46 -8.08
C LEU A 65 5.30 12.82 -7.70
N LEU A 66 6.54 13.08 -8.09
CA LEU A 66 7.17 14.35 -7.79
C LEU A 66 6.49 15.51 -8.51
N ASP A 67 6.01 15.27 -9.74
CA ASP A 67 5.22 16.29 -10.44
C ASP A 67 3.93 16.61 -9.69
N ASN A 68 3.22 15.58 -9.21
CA ASN A 68 1.98 15.87 -8.50
C ASN A 68 2.28 16.52 -7.16
N MET A 69 3.37 16.14 -6.50
CA MET A 69 3.74 16.82 -5.26
C MET A 69 3.98 18.30 -5.51
N LYS A 70 4.73 18.63 -6.56
CA LYS A 70 4.96 20.03 -6.91
C LYS A 70 3.63 20.75 -7.12
N ALA A 71 2.73 20.14 -7.89
CA ALA A 71 1.41 20.73 -8.11
C ALA A 71 0.70 21.05 -6.80
N ARG A 72 0.96 20.27 -5.75
CA ARG A 72 0.36 20.45 -4.44
C ARG A 72 1.12 21.40 -3.53
N GLY A 73 2.25 21.94 -3.99
CA GLY A 73 3.06 22.81 -3.17
C GLY A 73 4.15 22.12 -2.37
N VAL A 74 4.51 20.89 -2.73
CA VAL A 74 5.46 20.08 -1.98
C VAL A 74 6.70 19.94 -2.86
N THR A 75 7.78 20.57 -2.45
CA THR A 75 9.07 20.40 -3.09
C THR A 75 9.71 19.12 -2.60
N PRO A 76 10.76 18.68 -3.27
CA PRO A 76 11.48 17.48 -2.80
C PRO A 76 11.97 17.60 -1.36
N ARG A 77 12.44 18.77 -0.95
CA ARG A 77 12.88 18.96 0.43
C ARG A 77 11.74 18.78 1.43
N ASP A 78 10.49 19.01 0.99
CA ASP A 78 9.33 19.03 1.87
C ASP A 78 8.81 17.63 2.19
N LEU A 79 9.17 16.62 1.39
CA LEU A 79 8.73 15.25 1.64
C LEU A 79 9.60 14.68 2.75
N ARG A 80 8.98 14.40 3.90
CA ARG A 80 9.70 14.02 5.10
C ARG A 80 9.68 12.53 5.37
N LEU A 81 8.63 11.84 4.95
CA LEU A 81 8.37 10.49 5.45
C LEU A 81 7.66 9.71 4.36
N ILE A 82 8.12 8.48 4.13
CA ILE A 82 7.43 7.50 3.29
C ILE A 82 7.02 6.33 4.17
N LEU A 83 5.73 5.98 4.10
CA LEU A 83 5.13 4.82 4.76
C LEU A 83 4.66 3.86 3.68
N LEU A 84 4.59 2.57 4.01
CA LEU A 84 4.23 1.54 3.03
C LEU A 84 3.13 0.63 3.56
N SER A 85 2.23 0.28 2.65
CA SER A 85 1.31 -0.81 2.93
C SER A 85 2.05 -2.14 2.95
N HIS A 86 2.73 -2.49 1.85
CA HIS A 86 3.62 -3.63 1.84
C HIS A 86 4.64 -3.43 0.73
N ALA A 87 5.73 -4.19 0.83
CA ALA A 87 6.93 -3.95 0.02
C ALA A 87 6.97 -4.80 -1.24
N HIS A 88 5.92 -4.73 -2.05
CA HIS A 88 5.92 -5.30 -3.40
C HIS A 88 6.14 -4.21 -4.43
N ALA A 89 6.57 -4.66 -5.63
CA ALA A 89 6.99 -3.75 -6.71
C ALA A 89 5.89 -2.81 -7.17
N ASP A 90 4.60 -3.23 -7.07
CA ASP A 90 3.53 -2.36 -7.50
C ASP A 90 3.07 -1.37 -6.44
N HIS A 91 3.70 -1.36 -5.25
CA HIS A 91 3.33 -0.39 -4.23
C HIS A 91 4.51 0.37 -3.64
N ALA A 92 5.68 -0.29 -3.54
CA ALA A 92 6.93 0.28 -3.06
C ALA A 92 7.94 0.50 -4.18
N GLY A 93 7.53 0.28 -5.42
CA GLY A 93 8.43 0.33 -6.56
C GLY A 93 9.40 1.50 -6.61
N PRO A 94 8.94 2.74 -6.45
CA PRO A 94 9.82 3.91 -6.64
C PRO A 94 10.45 4.43 -5.36
N VAL A 95 10.38 3.67 -4.26
CA VAL A 95 10.86 4.19 -2.98
C VAL A 95 12.34 4.54 -3.03
N ALA A 96 13.20 3.67 -3.57
CA ALA A 96 14.62 3.97 -3.59
C ALA A 96 14.90 5.29 -4.29
N GLU A 97 14.29 5.48 -5.45
CA GLU A 97 14.51 6.69 -6.24
C GLU A 97 13.95 7.93 -5.53
N LEU A 98 12.77 7.80 -4.91
CA LEU A 98 12.23 8.91 -4.12
C LEU A 98 13.18 9.30 -3.00
N LYS A 99 13.79 8.32 -2.32
CA LYS A 99 14.76 8.66 -1.27
C LYS A 99 15.95 9.43 -1.82
N ARG A 100 16.42 9.06 -3.02
CA ARG A 100 17.56 9.75 -3.60
C ARG A 100 17.22 11.17 -4.01
N ARG A 101 15.96 11.41 -4.38
CA ARG A 101 15.54 12.66 -5.00
C ARG A 101 14.84 13.60 -4.02
N THR A 102 14.60 13.20 -2.79
CA THR A 102 13.85 14.00 -1.83
C THR A 102 14.51 13.90 -0.46
N GLY A 103 13.98 14.67 0.49
CA GLY A 103 14.38 14.50 1.87
C GLY A 103 13.79 13.31 2.60
N ALA A 104 13.07 12.43 1.91
CA ALA A 104 12.21 11.50 2.60
C ALA A 104 12.98 10.36 3.27
N LYS A 105 12.55 10.01 4.47
CA LYS A 105 13.01 8.83 5.17
C LYS A 105 11.87 7.82 5.23
N VAL A 106 12.21 6.54 5.28
CA VAL A 106 11.25 5.44 5.25
C VAL A 106 11.08 4.88 6.66
N ALA A 107 9.84 4.70 7.08
CA ALA A 107 9.54 3.97 8.31
C ALA A 107 8.72 2.73 7.95
N ALA A 108 9.15 1.57 8.43
CA ALA A 108 8.46 0.32 8.12
C ALA A 108 8.71 -0.70 9.22
N ASN A 109 7.85 -1.73 9.28
CA ASN A 109 8.13 -2.81 10.23
C ASN A 109 9.29 -3.69 9.72
N ALA A 110 9.79 -4.57 10.60
CA ALA A 110 10.99 -5.36 10.27
C ALA A 110 10.77 -6.22 9.03
N GLU A 111 9.61 -6.87 8.93
CA GLU A 111 9.36 -7.70 7.76
C GLU A 111 9.38 -6.87 6.48
N SER A 112 8.71 -5.73 6.48
CA SER A 112 8.70 -4.89 5.27
C SER A 112 10.08 -4.36 4.98
N ALA A 113 10.84 -4.03 6.03
CA ALA A 113 12.19 -3.50 5.84
C ALA A 113 13.09 -4.54 5.19
N VAL A 114 12.99 -5.82 5.58
N VAL A 114 12.99 -5.80 5.62
CA VAL A 114 13.93 -6.77 5.00
CA VAL A 114 13.83 -6.84 5.07
C VAL A 114 13.53 -7.14 3.58
C VAL A 114 13.52 -7.03 3.59
N LEU A 115 12.23 -7.10 3.26
CA LEU A 115 11.83 -7.32 1.87
C LEU A 115 12.19 -6.13 0.98
N LEU A 116 12.01 -4.91 1.49
CA LEU A 116 12.38 -3.69 0.78
C LEU A 116 13.88 -3.67 0.50
N ALA A 117 14.69 -4.07 1.49
CA ALA A 117 16.15 -4.05 1.34
C ALA A 117 16.63 -5.08 0.35
N ARG A 118 15.82 -6.10 0.01
CA ARG A 118 16.21 -7.00 -1.04
C ARG A 118 15.45 -6.75 -2.34
N GLY A 119 14.82 -5.58 -2.46
CA GLY A 119 14.12 -5.21 -3.68
C GLY A 119 13.03 -6.18 -4.08
N GLY A 120 12.38 -6.79 -3.09
CA GLY A 120 11.36 -7.75 -3.38
C GLY A 120 11.82 -9.10 -3.89
N SER A 121 13.14 -9.34 -3.97
CA SER A 121 13.63 -10.64 -4.40
C SER A 121 13.43 -11.67 -3.30
N ASP A 122 13.58 -12.94 -3.67
CA ASP A 122 13.30 -14.07 -2.77
C ASP A 122 11.95 -13.90 -2.05
N ASP A 123 10.94 -13.50 -2.81
CA ASP A 123 9.60 -13.39 -2.27
C ASP A 123 9.09 -14.77 -1.88
N LEU A 124 8.32 -14.83 -0.78
CA LEU A 124 7.84 -16.13 -0.31
C LEU A 124 7.02 -16.86 -1.37
N HIS A 125 6.36 -16.13 -2.26
CA HIS A 125 5.48 -16.74 -3.24
C HIS A 125 5.91 -16.51 -4.68
N PHE A 126 6.50 -15.35 -4.98
CA PHE A 126 6.82 -14.97 -6.34
C PHE A 126 8.27 -15.22 -6.71
N GLY A 127 9.11 -15.68 -5.78
CA GLY A 127 10.52 -15.84 -6.08
C GLY A 127 11.16 -14.51 -6.44
N ASP A 128 11.85 -14.51 -7.59
CA ASP A 128 12.51 -13.30 -8.11
C ASP A 128 11.75 -12.72 -9.30
N GLY A 129 10.50 -13.11 -9.50
CA GLY A 129 9.74 -12.66 -10.66
C GLY A 129 9.30 -11.23 -10.59
N ILE A 130 9.28 -10.64 -9.41
N ILE A 130 9.25 -10.65 -9.41
CA ILE A 130 8.70 -9.32 -9.24
CA ILE A 130 8.71 -9.30 -9.23
C ILE A 130 9.63 -8.53 -8.33
C ILE A 130 9.65 -8.52 -8.33
N THR A 131 10.71 -7.98 -8.91
CA THR A 131 11.73 -7.26 -8.17
C THR A 131 11.69 -5.78 -8.54
N TYR A 132 12.36 -4.97 -7.72
CA TYR A 132 12.40 -3.52 -7.90
C TYR A 132 13.65 -3.00 -7.18
N PRO A 133 14.00 -1.72 -7.36
CA PRO A 133 15.26 -1.25 -6.75
C PRO A 133 15.20 -1.28 -5.23
N PRO A 134 16.20 -1.87 -4.57
CA PRO A 134 16.14 -1.98 -3.11
C PRO A 134 16.31 -0.64 -2.40
N ALA A 135 15.72 -0.57 -1.21
CA ALA A 135 15.83 0.63 -0.38
C ALA A 135 15.95 0.22 1.08
N ASN A 136 16.56 1.11 1.86
CA ASN A 136 16.75 0.89 3.29
C ASN A 136 15.71 1.67 4.08
N ALA A 137 15.20 1.03 5.13
CA ALA A 137 14.37 1.73 6.11
C ALA A 137 15.22 2.53 7.09
N ASP A 138 14.73 3.71 7.45
CA ASP A 138 15.39 4.59 8.40
C ASP A 138 14.90 4.41 9.83
N ARG A 139 13.70 3.86 9.97
CA ARG A 139 13.08 3.67 11.27
C ARG A 139 12.28 2.39 11.16
N ILE A 140 12.40 1.55 12.20
CA ILE A 140 11.62 0.31 12.29
C ILE A 140 10.48 0.56 13.27
N VAL A 141 9.25 0.25 12.85
CA VAL A 141 8.08 0.44 13.71
C VAL A 141 7.55 -0.91 14.17
N MET A 142 6.96 -0.89 15.37
CA MET A 142 6.31 -2.02 16.00
C MET A 142 4.80 -1.87 15.85
N ASP A 143 4.10 -3.00 16.05
CA ASP A 143 2.65 -2.98 15.93
C ASP A 143 2.03 -1.99 16.93
N GLY A 144 1.16 -1.12 16.42
CA GLY A 144 0.52 -0.11 17.24
C GLY A 144 1.32 1.15 17.46
N GLU A 145 2.57 1.21 16.98
CA GLU A 145 3.38 2.39 17.17
C GLU A 145 2.82 3.56 16.37
N VAL A 146 2.99 4.77 16.92
CA VAL A 146 2.54 5.98 16.25
C VAL A 146 3.73 6.77 15.74
N ILE A 147 3.51 7.49 14.64
CA ILE A 147 4.45 8.46 14.10
C ILE A 147 3.68 9.74 13.86
N THR A 148 4.24 10.87 14.29
CA THR A 148 3.57 12.15 14.24
C THR A 148 4.34 13.07 13.33
N VAL A 149 3.66 13.62 12.34
CA VAL A 149 4.24 14.61 11.43
C VAL A 149 3.32 15.82 11.42
N GLY A 150 3.89 17.00 11.65
CA GLY A 150 3.16 18.25 11.62
C GLY A 150 1.82 18.14 12.29
N GLY A 151 1.76 17.37 13.37
CA GLY A 151 0.55 17.23 14.13
C GLY A 151 -0.41 16.14 13.70
N ILE A 152 -0.15 15.49 12.58
CA ILE A 152 -0.97 14.38 12.13
C ILE A 152 -0.37 13.08 12.64
N VAL A 153 -1.19 12.24 13.27
CA VAL A 153 -0.74 11.05 13.98
C VAL A 153 -1.10 9.82 13.16
N PHE A 154 -0.07 9.10 12.69
CA PHE A 154 -0.23 7.86 11.96
C PHE A 154 0.01 6.67 12.87
N THR A 155 -0.91 5.71 12.86
CA THR A 155 -0.82 4.51 13.69
C THR A 155 -0.69 3.27 12.79
N ALA A 156 0.28 2.42 13.09
CA ALA A 156 0.51 1.16 12.38
C ALA A 156 -0.32 0.04 12.97
N HIS A 157 -1.00 -0.73 12.11
CA HIS A 157 -1.76 -1.92 12.52
C HIS A 157 -1.27 -3.09 11.65
N PHE A 158 -0.51 -4.00 12.24
CA PHE A 158 0.03 -5.09 11.42
C PHE A 158 -1.12 -5.99 10.98
N MET A 159 -1.08 -6.41 9.73
CA MET A 159 -2.09 -7.28 9.17
C MET A 159 -1.43 -8.23 8.17
N ALA A 160 -0.54 -9.05 8.74
CA ALA A 160 0.23 -10.01 7.97
C ALA A 160 -0.65 -10.93 7.14
N GLY A 161 -0.16 -11.24 5.95
CA GLY A 161 -0.77 -12.25 5.10
C GLY A 161 -0.34 -12.07 3.67
N HIS A 162 -0.85 -11.02 3.01
CA HIS A 162 -0.44 -10.76 1.64
C HIS A 162 1.08 -10.71 1.54
N THR A 163 1.71 -10.05 2.50
CA THR A 163 3.12 -10.23 2.80
C THR A 163 3.20 -10.36 4.31
N PRO A 164 4.28 -10.97 4.84
CA PRO A 164 4.48 -10.94 6.29
C PRO A 164 4.43 -9.57 6.91
N GLY A 165 4.87 -8.52 6.21
CA GLY A 165 4.94 -7.19 6.79
C GLY A 165 3.80 -6.27 6.44
N SER A 166 2.72 -6.80 5.83
CA SER A 166 1.55 -6.01 5.48
C SER A 166 1.02 -5.22 6.67
N THR A 167 0.73 -3.96 6.42
CA THR A 167 0.39 -2.99 7.45
C THR A 167 -0.78 -2.13 7.00
N ALA A 168 -1.72 -1.86 7.91
CA ALA A 168 -2.69 -0.79 7.73
C ALA A 168 -2.22 0.45 8.46
N TRP A 169 -2.40 1.61 7.82
CA TRP A 169 -2.04 2.89 8.43
C TRP A 169 -3.32 3.70 8.62
N THR A 170 -3.50 4.27 9.83
CA THR A 170 -4.69 5.06 10.14
C THR A 170 -4.29 6.45 10.64
N TRP A 171 -5.09 7.45 10.26
CA TRP A 171 -4.89 8.80 10.76
C TRP A 171 -6.20 9.56 10.65
N THR A 172 -6.29 10.66 11.38
CA THR A 172 -7.49 11.48 11.36
C THR A 172 -7.21 12.79 10.64
N ASP A 173 -7.92 13.02 9.55
CA ASP A 173 -7.92 14.28 8.83
C ASP A 173 -9.21 15.04 9.15
N THR A 174 -9.53 16.07 8.38
CA THR A 174 -10.77 16.82 8.56
C THR A 174 -11.39 17.07 7.21
N ARG A 175 -12.66 17.42 7.24
CA ARG A 175 -13.41 17.75 6.03
C ARG A 175 -14.67 18.46 6.48
N ASN A 176 -14.93 19.65 5.94
CA ASN A 176 -16.09 20.44 6.34
C ASN A 176 -16.11 20.61 7.86
N GLY A 177 -14.96 21.04 8.38
CA GLY A 177 -14.77 21.17 9.82
C GLY A 177 -14.86 19.90 10.66
N LYS A 178 -15.19 18.72 10.07
CA LYS A 178 -15.38 17.53 10.90
C LYS A 178 -14.21 16.56 10.78
N PRO A 179 -13.94 15.78 11.83
CA PRO A 179 -12.88 14.78 11.74
C PRO A 179 -13.29 13.65 10.81
N VAL A 180 -12.31 13.13 10.08
CA VAL A 180 -12.48 12.00 9.19
C VAL A 180 -11.38 10.99 9.53
N ARG A 181 -11.77 9.84 10.06
CA ARG A 181 -10.82 8.78 10.40
C ARG A 181 -10.53 7.96 9.14
N ILE A 182 -9.34 8.14 8.57
CA ILE A 182 -8.95 7.48 7.33
C ILE A 182 -8.23 6.18 7.67
N ALA A 183 -8.61 5.09 7.02
CA ALA A 183 -7.93 3.81 7.15
C ALA A 183 -7.37 3.40 5.79
N TYR A 184 -6.04 3.37 5.69
CA TYR A 184 -5.38 2.84 4.50
C TYR A 184 -5.03 1.40 4.80
N ALA A 185 -5.92 0.48 4.39
CA ALA A 185 -5.78 -0.93 4.71
C ALA A 185 -5.07 -1.66 3.59
N ASP A 186 -4.12 -2.51 3.95
CA ASP A 186 -3.34 -3.23 2.93
C ASP A 186 -4.19 -4.28 2.22
N SER A 187 -3.59 -4.82 1.15
CA SER A 187 -4.17 -5.91 0.40
C SER A 187 -4.42 -7.12 1.30
N LEU A 188 -5.51 -7.82 1.02
CA LEU A 188 -5.88 -9.07 1.68
C LEU A 188 -6.01 -10.20 0.68
N SER A 189 -5.47 -10.03 -0.52
CA SER A 189 -5.45 -11.04 -1.55
C SER A 189 -4.33 -12.03 -1.31
N ALA A 190 -4.41 -13.14 -2.05
CA ALA A 190 -3.38 -14.17 -2.02
C ALA A 190 -3.17 -14.70 -3.43
N PRO A 191 -2.66 -13.83 -4.36
CA PRO A 191 -2.66 -14.18 -5.79
C PRO A 191 -1.69 -15.30 -6.15
N GLY A 192 -2.25 -16.46 -6.43
CA GLY A 192 -1.48 -17.63 -6.78
C GLY A 192 -0.77 -18.28 -5.61
N TYR A 193 -1.07 -17.86 -4.38
CA TYR A 193 -0.36 -18.41 -3.24
C TYR A 193 -0.79 -19.84 -2.95
N GLN A 194 0.19 -20.65 -2.55
CA GLN A 194 -0.08 -21.87 -1.80
C GLN A 194 -0.43 -21.48 -0.36
N LEU A 195 -1.68 -21.71 0.02
CA LEU A 195 -2.16 -21.31 1.34
C LEU A 195 -1.88 -22.34 2.43
N GLN A 196 -2.16 -23.62 2.15
CA GLN A 196 -2.07 -24.67 3.16
C GLN A 196 -0.71 -25.37 3.08
N GLY A 197 -0.11 -25.61 4.25
CA GLY A 197 1.14 -26.34 4.32
C GLY A 197 2.27 -25.69 3.55
N ASN A 198 2.31 -24.38 3.51
CA ASN A 198 3.37 -23.69 2.79
C ASN A 198 4.64 -23.66 3.64
N PRO A 199 5.74 -24.28 3.20
CA PRO A 199 6.92 -24.38 4.07
C PRO A 199 7.59 -23.04 4.32
N ARG A 200 7.41 -22.07 3.42
CA ARG A 200 7.94 -20.73 3.63
C ARG A 200 7.03 -19.85 4.46
N TYR A 201 5.80 -20.28 4.77
CA TYR A 201 4.88 -19.48 5.57
C TYR A 201 3.91 -20.42 6.29
N PRO A 202 4.40 -21.15 7.30
CA PRO A 202 3.57 -22.21 7.92
C PRO A 202 2.27 -21.71 8.54
N HIS A 203 2.22 -20.50 9.10
CA HIS A 203 1.03 -19.99 9.77
C HIS A 203 0.28 -19.00 8.90
N LEU A 204 0.42 -19.13 7.58
CA LEU A 204 -0.21 -18.20 6.65
C LEU A 204 -1.71 -18.05 6.93
N ILE A 205 -2.43 -19.17 7.07
CA ILE A 205 -3.89 -19.12 7.19
C ILE A 205 -4.30 -18.38 8.47
N GLU A 206 -3.64 -18.72 9.60
CA GLU A 206 -3.94 -18.04 10.86
C GLU A 206 -3.70 -16.55 10.77
N ASP A 207 -2.61 -16.15 10.10
CA ASP A 207 -2.30 -14.73 10.00
C ASP A 207 -3.36 -14.00 9.19
N TYR A 208 -3.78 -14.59 8.06
CA TYR A 208 -4.85 -13.98 7.29
C TYR A 208 -6.11 -13.83 8.13
N ARG A 209 -6.47 -14.84 8.90
CA ARG A 209 -7.71 -14.78 9.67
C ARG A 209 -7.63 -13.69 10.72
N ARG A 210 -6.48 -13.58 11.39
CA ARG A 210 -6.30 -12.48 12.34
C ARG A 210 -6.34 -11.15 11.63
N SER A 211 -5.78 -11.08 10.41
CA SER A 211 -5.78 -9.84 9.65
C SER A 211 -7.18 -9.42 9.22
N PHE A 212 -8.04 -10.38 8.86
CA PHE A 212 -9.44 -10.01 8.60
C PHE A 212 -10.04 -9.33 9.83
N ALA A 213 -9.77 -9.87 11.01
CA ALA A 213 -10.35 -9.32 12.23
C ALA A 213 -9.77 -7.94 12.51
N THR A 214 -8.47 -7.78 12.29
CA THR A 214 -7.85 -6.47 12.49
C THR A 214 -8.50 -5.42 11.58
N VAL A 215 -8.70 -5.75 10.30
CA VAL A 215 -9.23 -4.78 9.36
C VAL A 215 -10.66 -4.41 9.74
N ARG A 216 -11.47 -5.41 10.09
N ARG A 216 -11.47 -5.40 10.14
CA ARG A 216 -12.84 -5.29 10.60
CA ARG A 216 -12.86 -5.15 10.49
C ARG A 216 -12.97 -4.18 11.62
C ARG A 216 -13.00 -4.18 11.65
N ALA A 217 -12.02 -4.13 12.54
CA ALA A 217 -12.09 -3.29 13.74
C ALA A 217 -11.37 -1.95 13.63
N LEU A 218 -10.80 -1.61 12.47
CA LEU A 218 -10.04 -0.37 12.36
C LEU A 218 -10.95 0.86 12.51
N PRO A 219 -10.43 1.95 13.07
CA PRO A 219 -11.14 3.24 12.99
C PRO A 219 -11.23 3.67 11.53
N CYS A 220 -12.46 3.84 11.05
CA CYS A 220 -12.61 3.77 9.59
C CYS A 220 -13.83 4.51 9.06
N ASP A 221 -13.83 5.85 9.16
CA ASP A 221 -14.84 6.62 8.43
C ASP A 221 -14.65 6.49 6.92
N VAL A 222 -13.41 6.37 6.47
CA VAL A 222 -13.10 6.26 5.04
C VAL A 222 -12.00 5.20 4.88
N LEU A 223 -12.27 4.21 4.05
CA LEU A 223 -11.32 3.18 3.70
C LEU A 223 -10.70 3.49 2.34
N LEU A 224 -9.37 3.39 2.26
CA LEU A 224 -8.63 3.34 1.01
C LEU A 224 -7.75 2.09 1.00
N THR A 225 -7.42 1.62 -0.21
CA THR A 225 -6.63 0.41 -0.37
C THR A 225 -5.62 0.59 -1.48
N PRO A 226 -4.51 -0.16 -1.45
CA PRO A 226 -3.45 0.04 -2.46
C PRO A 226 -3.93 -0.15 -3.88
N HIS A 227 -4.77 -1.16 -4.11
CA HIS A 227 -5.49 -1.26 -5.37
C HIS A 227 -6.87 -0.68 -5.11
N PRO A 228 -7.19 0.50 -5.65
CA PRO A 228 -8.46 1.16 -5.27
C PRO A 228 -9.68 0.30 -5.53
N GLY A 229 -9.64 -0.61 -6.51
CA GLY A 229 -10.80 -1.43 -6.78
C GLY A 229 -11.16 -2.37 -5.65
N ALA A 230 -10.19 -2.74 -4.81
CA ALA A 230 -10.46 -3.62 -3.69
C ALA A 230 -11.39 -2.97 -2.67
N SER A 231 -11.35 -1.64 -2.55
CA SER A 231 -12.28 -0.93 -1.66
C SER A 231 -13.37 -0.20 -2.45
N ASN A 232 -13.50 -0.54 -3.73
N ASN A 232 -13.50 -0.52 -3.74
CA ASN A 232 -14.56 -0.01 -4.59
CA ASN A 232 -14.53 0.02 -4.61
C ASN A 232 -14.41 1.50 -4.82
C ASN A 232 -14.41 1.52 -4.80
N TRP A 233 -13.19 2.01 -4.79
CA TRP A 233 -12.90 3.37 -5.24
C TRP A 233 -12.75 3.37 -6.77
N ASP A 234 -13.13 4.50 -7.40
CA ASP A 234 -12.88 4.73 -8.84
C ASP A 234 -12.21 6.10 -8.98
N TYR A 235 -10.87 6.12 -9.01
CA TYR A 235 -10.17 7.40 -8.99
C TYR A 235 -10.44 8.25 -10.23
N ALA A 236 -10.95 7.65 -11.30
CA ALA A 236 -11.28 8.40 -12.50
C ALA A 236 -12.67 9.02 -12.46
N ALA A 237 -13.44 8.80 -11.39
CA ALA A 237 -14.83 9.25 -11.32
C ALA A 237 -14.97 10.61 -10.65
N GLY A 238 -13.87 11.32 -10.44
CA GLY A 238 -13.92 12.71 -10.01
C GLY A 238 -14.61 12.87 -8.68
N ALA A 239 -15.69 13.66 -8.67
CA ALA A 239 -16.39 14.00 -7.44
C ALA A 239 -17.14 12.81 -6.84
N ARG A 240 -17.27 11.72 -7.58
CA ARG A 240 -17.88 10.51 -7.08
C ARG A 240 -16.89 9.37 -6.94
N ALA A 241 -15.59 9.69 -6.94
CA ALA A 241 -14.56 8.65 -6.88
C ALA A 241 -14.74 7.73 -5.68
N GLY A 242 -15.09 8.28 -4.52
CA GLY A 242 -15.21 7.53 -3.31
C GLY A 242 -16.62 7.16 -2.92
N ALA A 243 -17.62 7.50 -3.75
CA ALA A 243 -19.01 7.36 -3.35
C ALA A 243 -19.36 5.92 -3.00
N LYS A 244 -18.86 4.97 -3.79
CA LYS A 244 -19.19 3.56 -3.63
C LYS A 244 -18.26 2.83 -2.68
N ALA A 245 -17.32 3.52 -2.03
CA ALA A 245 -16.29 2.83 -1.28
C ALA A 245 -16.90 1.94 -0.19
N LEU A 246 -16.26 0.80 0.01
CA LEU A 246 -16.60 -0.14 1.06
C LEU A 246 -16.24 0.43 2.44
N THR A 247 -16.98 -0.03 3.46
CA THR A 247 -16.50 0.04 4.84
C THR A 247 -15.35 -0.96 5.05
N CYS A 248 -14.55 -0.72 6.10
CA CYS A 248 -13.55 -1.70 6.48
C CYS A 248 -14.20 -3.05 6.81
N LYS A 249 -15.37 -3.04 7.46
CA LYS A 249 -16.07 -4.30 7.76
C LYS A 249 -16.41 -5.06 6.48
N ALA A 250 -16.90 -4.35 5.47
CA ALA A 250 -17.31 -5.01 4.23
C ALA A 250 -16.09 -5.49 3.46
N TYR A 251 -15.03 -4.70 3.45
CA TYR A 251 -13.78 -5.11 2.80
C TYR A 251 -13.25 -6.40 3.41
N ALA A 252 -13.16 -6.42 4.74
CA ALA A 252 -12.70 -7.62 5.45
C ALA A 252 -13.58 -8.82 5.15
N ASP A 253 -14.90 -8.61 5.14
CA ASP A 253 -15.79 -9.74 4.88
C ASP A 253 -15.64 -10.26 3.47
N ALA A 254 -15.55 -9.36 2.49
CA ALA A 254 -15.38 -9.80 1.11
C ALA A 254 -14.05 -10.52 0.95
N ALA A 255 -13.02 -10.06 1.64
CA ALA A 255 -11.73 -10.71 1.45
C ALA A 255 -11.72 -12.10 2.08
N GLU A 256 -12.41 -12.24 3.22
CA GLU A 256 -12.49 -13.55 3.87
C GLU A 256 -13.30 -14.53 3.03
N GLN A 257 -14.43 -14.07 2.47
CA GLN A 257 -15.20 -14.91 1.57
C GLN A 257 -14.36 -15.40 0.40
N LYS A 258 -13.61 -14.49 -0.24
CA LYS A 258 -12.73 -14.88 -1.33
C LYS A 258 -11.68 -15.88 -0.85
N PHE A 259 -11.09 -15.62 0.31
CA PHE A 259 -10.03 -16.48 0.84
C PHE A 259 -10.57 -17.89 1.11
N ASP A 260 -11.75 -17.97 1.70
CA ASP A 260 -12.38 -19.27 1.96
C ASP A 260 -12.64 -20.03 0.66
N GLY A 261 -13.06 -19.32 -0.39
CA GLY A 261 -13.21 -19.97 -1.69
C GLY A 261 -11.89 -20.47 -2.24
N GLN A 262 -10.83 -19.67 -2.08
CA GLN A 262 -9.53 -20.09 -2.57
C GLN A 262 -9.03 -21.32 -1.81
N LEU A 263 -9.25 -21.37 -0.49
CA LEU A 263 -8.88 -22.54 0.29
C LEU A 263 -9.57 -23.79 -0.24
N ALA A 264 -10.87 -23.67 -0.49
CA ALA A 264 -11.64 -24.82 -0.95
C ALA A 264 -11.16 -25.29 -2.32
N LYS A 265 -10.87 -24.34 -3.20
CA LYS A 265 -10.37 -24.67 -4.53
C LYS A 265 -8.99 -25.29 -4.47
N GLU A 266 -8.16 -24.85 -3.51
CA GLU A 266 -6.83 -25.43 -3.38
C GLU A 266 -6.90 -26.87 -2.89
N THR A 267 -7.78 -27.14 -1.92
CA THR A 267 -8.02 -28.50 -1.47
C THR A 267 -8.48 -29.40 -2.62
N ALA A 268 -9.30 -28.87 -3.52
CA ALA A 268 -9.80 -29.68 -4.62
C ALA A 268 -8.79 -29.77 -5.77
N GLY A 269 -7.88 -28.79 -5.87
CA GLY A 269 -6.97 -28.69 -7.00
C GLY A 269 -5.71 -29.51 -6.79
ZN ZN B . 1.43 -7.15 -3.18
ZN ZN C . -0.54 -5.23 -5.46
ZN ZN D . -6.58 22.15 6.67
S SO4 E . 7.02 10.24 16.81
O1 SO4 E . 7.20 10.30 15.37
O2 SO4 E . 7.73 11.35 17.45
O3 SO4 E . 5.58 10.40 17.09
O4 SO4 E . 7.50 8.97 17.36
S SO4 F . -16.90 11.17 -2.94
O1 SO4 F . -15.91 11.15 -4.02
O2 SO4 F . -16.90 12.49 -2.32
O3 SO4 F . -18.23 10.88 -3.48
O4 SO4 F . -16.56 10.17 -1.94
S SO4 G . -5.32 23.62 -0.89
O1 SO4 G . -4.11 23.59 -1.72
O2 SO4 G . -5.39 25.10 -0.50
O3 SO4 G . -6.61 23.18 -1.44
O4 SO4 G . -5.43 22.72 0.30
O72 R3N H . -0.62 -9.26 -10.06
C7 R3N H . 0.07 -8.31 -9.70
C6 R3N H . 0.15 -7.90 -8.19
N4 R3N H . -1.35 -7.22 -6.32
C5 R3N H . -1.28 -7.58 -7.67
C3 R3N H . -2.48 -7.47 -5.73
C2 R3N H . -3.36 -8.55 -6.30
S1 R3N H . -2.50 -9.02 -7.87
C31 R3N H . -2.79 -6.90 -4.36
O71 R3N H . 0.69 -7.56 -10.47
C61 R3N H . 0.89 -9.04 -7.41
O62 R3N H . 0.75 -8.90 -5.98
C62 R3N H . 2.40 -8.99 -7.69
C14 R3N H . -4.77 -8.01 -6.56
C15 R3N H . -4.78 -6.70 -7.45
C16 R3N H . -5.92 -6.94 -8.43
C17 R3N H . -5.92 -8.47 -8.53
O18 R3N H . -5.50 -8.98 -7.27
O32 R3N H . -1.88 -6.15 -3.95
O31 R3N H . -3.89 -7.19 -3.81
H2 R3N H . 0.67 -7.10 -8.12
H5 R3N H . -1.70 -6.88 -8.18
H111 R3N H . -3.36 -9.32 -5.71
H8 R3N H . 0.55 -9.90 -7.70
H9 R3N H . 0.70 -9.70 -5.68
H11 R3N H . 2.86 -8.41 -7.08
H12 R3N H . 2.59 -8.69 -8.59
H10 R3N H . 2.82 -9.87 -7.60
H13 R3N H . -5.25 -7.91 -5.73
H14 R3N H . -4.89 -5.90 -6.94
H15 R3N H . -3.95 -6.60 -7.92
H17 R3N H . -5.76 -6.52 -9.29
H16 R3N H . -6.77 -6.58 -8.13
H19 R3N H . -5.36 -8.81 -9.24
H18 R3N H . -6.81 -8.84 -8.70
#